data_7FIU
#
_entry.id   7FIU
#
_cell.length_a   48.110
_cell.length_b   60.590
_cell.length_c   85.550
_cell.angle_alpha   90.000
_cell.angle_beta   90.000
_cell.angle_gamma   90.000
#
_symmetry.space_group_name_H-M   'P 21 21 21'
#
loop_
_entity.id
_entity.type
_entity.pdbx_description
1 polymer 'ULP_PROTEASE domain-containing protein'
2 water water
#
_entity_poly.entity_id   1
_entity_poly.type   'polypeptide(L)'
_entity_poly.pdbx_seq_one_letter_code
;GPLGSGTSTAQGILQQINTILRRNNAREIEDVHNLLALDFATENQNFRYWLQTHDMFFAARQYTFHDDRSNPTNDRHDFA
ITSVGVDGNQNDPTGRDLLSSNIDNFKQKVDSGEKDRLTAIINVGNRHWVTLVIVHQNGNYYGYYADSLGPDSRIDNNIR
GALRECDISDDNVHDVSVHQQTDGHNCGIWAYENARDINQAIDQALQGNSNFGEKGEGIIGYIRGLLSAGIGNDTRQPQR
NEQYFRNRRRNISQLFQNDSLSSPRGRLIQGRPGIQHEIDPLLLQFLELQYPQ
;
_entity_poly.pdbx_strand_id   A
#
# COMPACT_ATOMS: atom_id res chain seq x y z
N SER A 8 23.92 13.18 -18.03
CA SER A 8 24.03 12.20 -16.95
C SER A 8 22.98 11.10 -17.08
N THR A 9 23.38 9.88 -16.74
CA THR A 9 22.52 8.70 -16.77
C THR A 9 22.21 8.24 -15.35
N ALA A 10 21.26 7.31 -15.25
CA ALA A 10 20.95 6.73 -13.94
C ALA A 10 22.19 6.05 -13.35
N GLN A 11 22.93 5.31 -14.18
CA GLN A 11 24.12 4.65 -13.68
C GLN A 11 25.21 5.66 -13.35
N GLY A 12 25.31 6.74 -14.12
CA GLY A 12 26.25 7.80 -13.78
C GLY A 12 25.94 8.41 -12.42
N ILE A 13 24.66 8.63 -12.14
CA ILE A 13 24.26 9.15 -10.84
C ILE A 13 24.55 8.14 -9.75
N LEU A 14 24.25 6.87 -10.00
CA LEU A 14 24.51 5.83 -9.01
C LEU A 14 25.99 5.76 -8.66
N GLN A 15 26.87 5.86 -9.65
CA GLN A 15 28.30 5.82 -9.37
C GLN A 15 28.74 7.01 -8.53
N GLN A 16 28.14 8.18 -8.76
CA GLN A 16 28.52 9.37 -8.00
C GLN A 16 28.03 9.26 -6.56
N ILE A 17 26.81 8.76 -6.37
CA ILE A 17 26.29 8.53 -5.02
C ILE A 17 27.15 7.54 -4.28
N ASN A 18 27.56 6.45 -4.96
CA ASN A 18 28.31 5.42 -4.28
C ASN A 18 29.72 5.87 -3.93
N THR A 19 30.29 6.81 -4.70
CA THR A 19 31.55 7.40 -4.30
C THR A 19 31.41 8.20 -3.01
N ILE A 20 30.32 8.97 -2.90
CA ILE A 20 30.08 9.74 -1.69
C ILE A 20 29.86 8.80 -0.49
N LEU A 21 29.08 7.74 -0.69
CA LEU A 21 28.84 6.80 0.40
C LEU A 21 30.14 6.16 0.87
N ARG A 22 31.05 5.87 -0.08
CA ARG A 22 32.32 5.24 0.26
C ARG A 22 33.18 6.18 1.08
N ARG A 23 33.29 7.44 0.65
CA ARG A 23 34.04 8.44 1.41
C ARG A 23 33.52 8.58 2.83
N ASN A 24 32.23 8.34 3.03
CA ASN A 24 31.58 8.52 4.32
C ASN A 24 31.38 7.21 5.07
N ASN A 25 32.06 6.14 4.65
CA ASN A 25 32.04 4.85 5.36
C ASN A 25 30.62 4.35 5.58
N ALA A 26 29.78 4.49 4.56
CA ALA A 26 28.44 3.94 4.58
C ALA A 26 28.31 2.89 3.48
N ARG A 27 27.34 2.00 3.63
CA ARG A 27 27.15 0.94 2.67
C ARG A 27 26.74 1.50 1.32
N GLU A 28 27.38 1.04 0.25
CA GLU A 28 26.95 1.40 -1.09
C GLU A 28 25.59 0.79 -1.40
N ILE A 29 24.89 1.40 -2.36
CA ILE A 29 23.57 0.95 -2.76
C ILE A 29 23.67 0.32 -4.14
N GLU A 30 22.64 -0.45 -4.49
CA GLU A 30 22.57 -1.10 -5.79
C GLU A 30 21.58 -0.42 -6.75
N ASP A 31 20.64 0.36 -6.23
CA ASP A 31 19.70 1.10 -7.04
C ASP A 31 19.44 2.43 -6.36
N VAL A 32 19.34 3.50 -7.16
CA VAL A 32 19.14 4.82 -6.58
C VAL A 32 17.81 4.91 -5.84
N HIS A 33 16.83 4.09 -6.24
CA HIS A 33 15.54 4.08 -5.54
C HIS A 33 15.69 3.78 -4.06
N ASN A 34 16.73 3.03 -3.66
CA ASN A 34 16.98 2.77 -2.26
C ASN A 34 16.98 4.04 -1.41
N LEU A 35 17.39 5.17 -1.99
CA LEU A 35 17.45 6.42 -1.24
C LEU A 35 16.35 7.40 -1.58
N LEU A 36 15.37 7.00 -2.39
CA LEU A 36 14.24 7.87 -2.65
C LEU A 36 13.12 7.57 -1.67
N ALA A 37 12.32 8.59 -1.37
CA ALA A 37 11.15 8.42 -0.53
C ALA A 37 10.12 9.47 -0.92
N LEU A 38 8.87 9.24 -0.53
CA LEU A 38 7.78 10.08 -1.02
C LEU A 38 7.96 11.54 -0.62
N ASP A 39 8.51 11.81 0.57
CA ASP A 39 8.60 13.20 0.99
C ASP A 39 9.59 13.95 0.10
N PHE A 40 10.73 13.31 -0.19
CA PHE A 40 11.72 13.98 -1.03
C PHE A 40 11.19 14.22 -2.43
N ALA A 41 10.47 13.25 -2.98
CA ALA A 41 9.90 13.42 -4.31
C ALA A 41 8.82 14.49 -4.32
N THR A 42 7.93 14.47 -3.32
CA THR A 42 6.83 15.42 -3.30
C THR A 42 7.31 16.84 -3.05
N GLU A 43 8.36 17.00 -2.25
CA GLU A 43 8.89 18.34 -1.98
C GLU A 43 9.46 18.98 -3.23
N ASN A 44 9.78 18.18 -4.25
CA ASN A 44 10.32 18.69 -5.51
C ASN A 44 9.32 18.57 -6.64
N GLN A 45 8.05 18.29 -6.34
CA GLN A 45 6.97 18.23 -7.32
C GLN A 45 7.14 17.10 -8.32
N ASN A 46 7.74 15.98 -7.88
CA ASN A 46 7.74 14.75 -8.67
CA ASN A 46 7.73 14.75 -8.67
C ASN A 46 6.58 13.88 -8.16
N PHE A 47 5.41 14.12 -8.70
CA PHE A 47 4.21 13.41 -8.30
C PHE A 47 4.00 12.10 -9.05
N ARG A 48 4.91 11.72 -9.94
CA ARG A 48 4.84 10.42 -10.62
C ARG A 48 5.71 9.36 -9.96
N TYR A 49 6.37 9.69 -8.86
CA TYR A 49 7.15 8.73 -8.09
C TYR A 49 6.27 7.60 -7.56
N TRP A 50 6.70 6.35 -7.77
CA TRP A 50 5.93 5.18 -7.34
C TRP A 50 6.27 4.88 -5.88
N LEU A 51 5.25 4.68 -5.06
CA LEU A 51 5.49 4.51 -3.63
C LEU A 51 6.12 3.15 -3.35
N GLN A 52 7.15 3.15 -2.52
CA GLN A 52 7.85 1.94 -2.13
C GLN A 52 7.36 1.47 -0.77
N THR A 53 7.86 0.31 -0.34
CA THR A 53 7.42 -0.25 0.93
C THR A 53 7.54 0.73 2.09
N HIS A 54 8.67 1.45 2.18
CA HIS A 54 8.83 2.35 3.32
C HIS A 54 7.83 3.51 3.25
N ASP A 55 7.47 3.95 2.04
CA ASP A 55 6.47 5.02 1.93
C ASP A 55 5.09 4.56 2.39
N MET A 56 4.81 3.26 2.22
CA MET A 56 3.48 2.70 2.47
C MET A 56 3.18 2.65 3.98
N PHE A 57 4.23 2.62 4.81
CA PHE A 57 4.04 2.68 6.25
C PHE A 57 3.59 4.07 6.68
N PHE A 58 4.14 5.11 6.07
CA PHE A 58 3.68 6.45 6.34
C PHE A 58 2.28 6.68 5.81
N ALA A 59 1.97 6.12 4.63
CA ALA A 59 0.62 6.26 4.11
C ALA A 59 -0.40 5.57 5.00
N ALA A 60 0.00 4.45 5.63
CA ALA A 60 -0.92 3.77 6.54
C ALA A 60 -1.36 4.69 7.65
N ARG A 61 -0.43 5.49 8.20
CA ARG A 61 -0.77 6.39 9.29
C ARG A 61 -1.73 7.48 8.82
N GLN A 62 -1.55 7.96 7.59
CA GLN A 62 -2.49 8.93 7.03
CA GLN A 62 -2.49 8.93 7.04
C GLN A 62 -3.91 8.38 6.99
N TYR A 63 -4.05 7.12 6.63
CA TYR A 63 -5.35 6.47 6.51
C TYR A 63 -5.76 5.78 7.82
N THR A 64 -5.03 6.01 8.91
CA THR A 64 -5.37 5.49 10.24
C THR A 64 -5.34 3.97 10.29
N PHE A 65 -4.37 3.36 9.61
CA PHE A 65 -4.24 1.91 9.64
C PHE A 65 -3.12 1.39 10.54
N HIS A 66 -1.98 2.08 10.61
CA HIS A 66 -0.85 1.58 11.39
C HIS A 66 -1.31 0.97 12.71
N ASP A 67 -2.15 1.71 13.44
CA ASP A 67 -2.97 1.14 14.49
C ASP A 67 -4.26 1.94 14.55
N ASP A 68 -5.18 1.53 15.43
CA ASP A 68 -6.39 2.21 15.86
C ASP A 68 -7.60 1.99 14.97
N ARG A 69 -7.45 1.37 13.79
CA ARG A 69 -8.59 1.14 12.91
C ARG A 69 -8.25 0.20 11.77
N ASN A 74 -5.11 -4.93 20.80
CA ASN A 74 -5.70 -3.83 21.56
C ASN A 74 -7.08 -3.50 20.99
N ASP A 75 -7.21 -3.62 19.67
CA ASP A 75 -8.47 -3.45 18.97
C ASP A 75 -8.73 -4.67 18.09
N ARG A 76 -9.85 -4.67 17.38
CA ARG A 76 -10.33 -5.84 16.67
C ARG A 76 -9.80 -5.99 15.24
N HIS A 77 -9.05 -5.01 14.74
CA HIS A 77 -8.58 -5.00 13.36
C HIS A 77 -7.09 -5.31 13.32
N ASP A 78 -6.69 -6.23 12.46
CA ASP A 78 -5.31 -6.54 12.16
C ASP A 78 -4.89 -5.83 10.88
N PHE A 79 -3.60 -5.50 10.77
CA PHE A 79 -3.16 -4.78 9.58
C PHE A 79 -1.76 -5.24 9.20
N ALA A 80 -1.53 -5.42 7.90
CA ALA A 80 -0.22 -5.88 7.44
C ALA A 80 0.14 -5.27 6.10
N ILE A 81 1.36 -4.77 5.99
CA ILE A 81 1.98 -4.45 4.71
C ILE A 81 2.91 -5.59 4.36
N THR A 82 2.65 -6.25 3.24
CA THR A 82 3.42 -7.44 2.90
C THR A 82 3.67 -7.46 1.40
N SER A 83 4.18 -8.58 0.91
CA SER A 83 4.45 -8.72 -0.51
C SER A 83 4.25 -10.18 -0.89
N VAL A 84 4.28 -10.42 -2.20
CA VAL A 84 4.26 -11.75 -2.79
C VAL A 84 5.15 -11.71 -4.04
N GLY A 85 5.46 -12.89 -4.57
CA GLY A 85 6.30 -12.97 -5.75
C GLY A 85 7.76 -12.81 -5.44
N PRO A 93 10.67 -16.31 0.35
CA PRO A 93 11.23 -17.67 0.29
C PRO A 93 10.54 -18.55 -0.74
N THR A 94 9.21 -18.59 -0.70
CA THR A 94 8.41 -19.31 -1.70
C THR A 94 7.62 -18.37 -2.59
N GLY A 95 7.71 -17.06 -2.37
CA GLY A 95 6.83 -16.10 -3.01
C GLY A 95 5.52 -15.89 -2.30
N ARG A 96 5.19 -16.73 -1.32
CA ARG A 96 3.92 -16.67 -0.62
C ARG A 96 4.07 -16.62 0.89
N ASP A 97 5.30 -16.73 1.42
CA ASP A 97 5.49 -16.99 2.85
C ASP A 97 5.07 -15.80 3.70
N LEU A 98 5.38 -14.57 3.27
CA LEU A 98 5.09 -13.41 4.10
C LEU A 98 3.60 -13.20 4.26
N LEU A 99 2.85 -13.17 3.15
CA LEU A 99 1.41 -13.00 3.24
C LEU A 99 0.74 -14.18 3.94
N SER A 100 1.14 -15.41 3.62
CA SER A 100 0.61 -16.57 4.31
C SER A 100 0.81 -16.45 5.82
N SER A 101 2.02 -16.06 6.24
CA SER A 101 2.31 -15.91 7.66
C SER A 101 1.41 -14.87 8.31
N ASN A 102 1.11 -13.77 7.61
CA ASN A 102 0.21 -12.76 8.18
C ASN A 102 -1.21 -13.30 8.31
N ILE A 103 -1.69 -14.02 7.30
CA ILE A 103 -3.06 -14.55 7.39
C ILE A 103 -3.16 -15.61 8.47
N ASP A 104 -2.13 -16.47 8.59
CA ASP A 104 -2.08 -17.44 9.69
C ASP A 104 -2.10 -16.75 11.05
N ASN A 105 -1.26 -15.74 11.24
CA ASN A 105 -1.25 -15.05 12.53
CA ASN A 105 -1.25 -15.04 12.53
C ASN A 105 -2.61 -14.43 12.83
N PHE A 106 -3.29 -13.93 11.80
CA PHE A 106 -4.62 -13.38 11.96
C PHE A 106 -5.61 -14.46 12.38
N LYS A 107 -5.58 -15.61 11.71
CA LYS A 107 -6.51 -16.69 12.04
C LYS A 107 -6.31 -17.18 13.47
N GLN A 108 -5.06 -17.16 13.95
CA GLN A 108 -4.81 -17.52 15.34
C GLN A 108 -5.46 -16.51 16.28
N LYS A 109 -5.30 -15.22 15.98
CA LYS A 109 -5.89 -14.19 16.83
C LYS A 109 -7.41 -14.22 16.78
N VAL A 110 -7.99 -14.64 15.66
CA VAL A 110 -9.44 -14.84 15.61
C VAL A 110 -9.83 -15.98 16.55
N ASP A 111 -9.07 -17.08 16.51
CA ASP A 111 -9.33 -18.19 17.41
C ASP A 111 -9.11 -17.80 18.88
N SER A 112 -8.13 -16.92 19.13
CA SER A 112 -7.94 -16.44 20.50
C SER A 112 -9.02 -15.47 20.93
N GLY A 113 -9.87 -15.01 20.00
CA GLY A 113 -10.90 -14.04 20.33
C GLY A 113 -10.42 -12.62 20.33
N GLU A 114 -9.25 -12.36 19.75
CA GLU A 114 -8.62 -11.05 19.80
C GLU A 114 -8.90 -10.19 18.58
N LYS A 115 -9.23 -10.78 17.43
CA LYS A 115 -9.39 -10.02 16.19
C LYS A 115 -10.61 -10.52 15.43
N ASP A 116 -11.15 -9.63 14.61
CA ASP A 116 -12.28 -9.92 13.74
C ASP A 116 -11.99 -9.66 12.28
N ARG A 117 -10.93 -8.95 11.95
CA ARG A 117 -10.74 -8.48 10.59
C ARG A 117 -9.27 -8.23 10.33
N LEU A 118 -8.83 -8.48 9.10
CA LEU A 118 -7.47 -8.23 8.65
C LEU A 118 -7.51 -7.38 7.40
N THR A 119 -6.71 -6.31 7.39
CA THR A 119 -6.49 -5.55 6.17
C THR A 119 -5.04 -5.75 5.75
N ALA A 120 -4.82 -6.22 4.53
CA ALA A 120 -3.49 -6.46 4.01
C ALA A 120 -3.29 -5.60 2.77
N ILE A 121 -2.18 -4.87 2.74
CA ILE A 121 -1.72 -4.11 1.57
C ILE A 121 -0.56 -4.88 0.99
N ILE A 122 -0.68 -5.33 -0.26
CA ILE A 122 0.22 -6.33 -0.81
C ILE A 122 0.91 -5.80 -2.05
N ASN A 123 2.24 -5.90 -2.05
CA ASN A 123 3.07 -5.66 -3.22
C ASN A 123 3.11 -6.93 -4.06
N VAL A 124 2.61 -6.85 -5.28
CA VAL A 124 2.56 -7.99 -6.17
C VAL A 124 3.76 -8.02 -7.11
N GLY A 125 4.84 -7.33 -6.77
CA GLY A 125 6.12 -7.52 -7.42
C GLY A 125 6.65 -6.33 -8.18
N ASN A 126 6.00 -6.00 -9.29
CA ASN A 126 6.48 -4.96 -10.20
C ASN A 126 5.89 -3.60 -9.81
N ARG A 127 6.19 -3.19 -8.58
CA ARG A 127 5.79 -1.90 -8.01
C ARG A 127 4.27 -1.73 -7.95
N HIS A 128 3.50 -2.82 -7.97
CA HIS A 128 2.05 -2.76 -7.94
C HIS A 128 1.52 -3.13 -6.57
N TRP A 129 0.62 -2.32 -6.04
CA TRP A 129 0.00 -2.53 -4.74
C TRP A 129 -1.48 -2.85 -4.94
N VAL A 130 -1.96 -3.86 -4.20
CA VAL A 130 -3.38 -4.21 -4.16
C VAL A 130 -3.80 -4.41 -2.70
N THR A 131 -5.10 -4.54 -2.49
CA THR A 131 -5.70 -4.58 -1.16
C THR A 131 -6.49 -5.86 -0.96
N LEU A 132 -6.35 -6.49 0.21
CA LEU A 132 -7.18 -7.64 0.56
C LEU A 132 -7.69 -7.42 1.98
N VAL A 133 -9.01 -7.53 2.18
CA VAL A 133 -9.62 -7.42 3.49
C VAL A 133 -10.37 -8.72 3.77
N ILE A 134 -10.12 -9.32 4.92
CA ILE A 134 -10.78 -10.54 5.35
C ILE A 134 -11.54 -10.26 6.64
N VAL A 135 -12.81 -10.64 6.69
CA VAL A 135 -13.59 -10.44 7.89
C VAL A 135 -14.06 -11.80 8.37
N HIS A 136 -14.14 -11.94 9.70
CA HIS A 136 -14.71 -13.12 10.32
C HIS A 136 -16.02 -12.73 10.99
N GLN A 137 -17.08 -13.48 10.71
CA GLN A 137 -18.38 -13.17 11.30
C GLN A 137 -19.10 -14.48 11.61
N ASN A 138 -19.10 -14.85 12.90
CA ASN A 138 -19.90 -15.95 13.43
C ASN A 138 -19.55 -17.28 12.76
N GLY A 139 -18.25 -17.52 12.56
CA GLY A 139 -17.77 -18.79 12.06
C GLY A 139 -17.29 -18.80 10.61
N ASN A 140 -17.50 -17.72 9.86
CA ASN A 140 -17.15 -17.71 8.45
C ASN A 140 -16.12 -16.62 8.17
N TYR A 141 -15.25 -16.87 7.18
CA TYR A 141 -14.25 -15.92 6.70
C TYR A 141 -14.62 -15.47 5.28
N TYR A 142 -14.76 -14.16 5.10
CA TYR A 142 -15.10 -13.58 3.81
C TYR A 142 -13.95 -12.68 3.41
N GLY A 143 -13.58 -12.68 2.13
CA GLY A 143 -12.46 -11.86 1.67
C GLY A 143 -12.85 -11.00 0.49
N TYR A 144 -12.21 -9.83 0.41
CA TYR A 144 -12.53 -8.86 -0.63
C TYR A 144 -11.22 -8.31 -1.14
N TYR A 145 -10.99 -8.45 -2.44
CA TYR A 145 -9.75 -8.09 -3.10
C TYR A 145 -10.00 -6.95 -4.06
N ALA A 146 -9.12 -5.95 -4.07
CA ALA A 146 -9.32 -4.84 -4.98
C ALA A 146 -8.00 -4.45 -5.59
N ASP A 147 -7.96 -4.34 -6.91
CA ASP A 147 -6.79 -3.86 -7.62
C ASP A 147 -7.28 -2.61 -8.37
N SER A 148 -6.58 -1.49 -8.20
CA SER A 148 -7.09 -0.25 -8.79
C SER A 148 -7.03 -0.26 -10.31
N LEU A 149 -6.30 -1.22 -10.90
CA LEU A 149 -6.25 -1.33 -12.36
C LEU A 149 -7.56 -1.87 -12.92
N GLY A 150 -8.42 -2.45 -12.10
CA GLY A 150 -9.68 -2.95 -12.60
C GLY A 150 -9.80 -4.45 -12.45
N PRO A 151 -11.00 -4.99 -12.70
CA PRO A 151 -11.18 -6.44 -12.65
C PRO A 151 -10.24 -7.14 -13.63
N ASP A 152 -9.75 -8.31 -13.22
CA ASP A 152 -8.80 -9.08 -13.99
C ASP A 152 -9.39 -10.48 -14.22
N ILE A 155 -7.43 -12.98 -9.95
CA ILE A 155 -6.58 -12.59 -8.83
C ILE A 155 -5.20 -13.20 -8.99
N ASP A 156 -4.17 -12.52 -8.50
CA ASP A 156 -2.79 -13.02 -8.59
C ASP A 156 -2.56 -14.36 -7.94
N ASN A 157 -1.84 -15.22 -8.63
CA ASN A 157 -1.64 -16.58 -8.14
C ASN A 157 -0.99 -16.72 -6.79
N ASN A 158 -0.01 -15.90 -6.48
CA ASN A 158 0.61 -15.96 -5.21
C ASN A 158 -0.34 -15.58 -4.11
N ILE A 159 -1.26 -14.67 -4.41
CA ILE A 159 -2.27 -14.30 -3.41
C ILE A 159 -3.18 -15.48 -3.21
N ARG A 160 -3.66 -16.02 -4.32
CA ARG A 160 -4.54 -17.18 -4.24
C ARG A 160 -3.85 -18.34 -3.54
N GLY A 161 -2.57 -18.57 -3.85
CA GLY A 161 -1.83 -19.63 -3.18
C GLY A 161 -1.64 -19.39 -1.70
N ALA A 162 -1.46 -18.13 -1.30
CA ALA A 162 -1.39 -17.82 0.12
C ALA A 162 -2.73 -18.07 0.80
N LEU A 163 -3.83 -17.74 0.12
CA LEU A 163 -5.15 -17.98 0.70
C LEU A 163 -5.43 -19.47 0.82
N ARG A 164 -4.94 -20.27 -0.13
CA ARG A 164 -5.17 -21.70 -0.09
C ARG A 164 -4.37 -22.36 1.02
N GLU A 165 -3.14 -21.89 1.27
CA GLU A 165 -2.33 -22.45 2.34
C GLU A 165 -2.83 -22.07 3.73
N CYS A 166 -3.76 -21.14 3.82
CA CYS A 166 -4.38 -20.72 5.08
C CYS A 166 -5.85 -21.13 5.15
N ASP A 167 -6.27 -22.05 4.29
CA ASP A 167 -7.64 -22.56 4.24
C ASP A 167 -8.67 -21.43 4.31
N ILE A 168 -8.50 -20.43 3.45
CA ILE A 168 -9.58 -19.50 3.14
C ILE A 168 -10.17 -19.94 1.81
N SER A 169 -11.47 -20.22 1.81
CA SER A 169 -12.12 -20.81 0.64
C SER A 169 -12.19 -19.82 -0.52
N ASP A 170 -11.90 -20.29 -1.73
CA ASP A 170 -12.00 -19.44 -2.89
C ASP A 170 -13.41 -18.92 -3.13
N ASP A 171 -14.40 -19.71 -2.78
CA ASP A 171 -15.79 -19.28 -2.93
C ASP A 171 -16.11 -18.07 -2.07
N ASN A 172 -15.33 -17.83 -1.02
CA ASN A 172 -15.60 -16.76 -0.07
C ASN A 172 -14.70 -15.56 -0.27
N VAL A 173 -13.88 -15.54 -1.31
CA VAL A 173 -13.01 -14.40 -1.61
C VAL A 173 -13.49 -13.80 -2.92
N HIS A 174 -13.71 -12.49 -2.92
CA HIS A 174 -14.42 -11.85 -4.03
C HIS A 174 -13.56 -10.73 -4.56
N ASP A 175 -13.47 -10.64 -5.89
CA ASP A 175 -12.73 -9.57 -6.55
C ASP A 175 -13.72 -8.43 -6.71
N VAL A 176 -13.54 -7.36 -5.92
CA VAL A 176 -14.44 -6.22 -5.94
C VAL A 176 -13.87 -5.06 -6.75
N SER A 177 -12.81 -5.32 -7.53
CA SER A 177 -12.10 -4.26 -8.22
C SER A 177 -13.03 -3.47 -9.13
N VAL A 178 -12.69 -2.18 -9.28
CA VAL A 178 -13.34 -1.28 -10.23
C VAL A 178 -12.19 -0.63 -10.97
N HIS A 179 -12.40 -0.35 -12.26
CA HIS A 179 -11.38 0.41 -12.99
C HIS A 179 -11.23 1.79 -12.36
N GLN A 180 -10.05 2.07 -11.80
CA GLN A 180 -9.82 3.35 -11.15
C GLN A 180 -8.65 4.12 -11.71
N GLN A 181 -7.59 3.44 -12.11
CA GLN A 181 -6.40 4.12 -12.62
C GLN A 181 -5.78 3.31 -13.75
N THR A 182 -5.05 4.03 -14.61
CA THR A 182 -4.20 3.42 -15.63
C THR A 182 -2.75 3.84 -15.53
N ASP A 183 -2.46 5.00 -14.91
CA ASP A 183 -1.10 5.52 -14.90
C ASP A 183 -0.14 4.64 -14.10
N GLY A 184 -0.62 3.99 -13.06
CA GLY A 184 0.21 3.12 -12.23
C GLY A 184 0.88 3.78 -11.04
N HIS A 185 1.31 5.04 -11.17
CA HIS A 185 2.13 5.66 -10.13
C HIS A 185 1.37 5.90 -8.83
N ASN A 186 0.04 5.94 -8.85
CA ASN A 186 -0.73 6.16 -7.63
C ASN A 186 -1.35 4.90 -7.05
N CYS A 187 -0.96 3.72 -7.53
CA CYS A 187 -1.61 2.52 -7.02
C CYS A 187 -1.37 2.35 -5.52
N GLY A 188 -0.26 2.88 -4.99
CA GLY A 188 -0.02 2.80 -3.55
C GLY A 188 -1.06 3.54 -2.74
N ILE A 189 -1.47 4.73 -3.20
CA ILE A 189 -2.52 5.48 -2.53
C ILE A 189 -3.90 4.87 -2.80
N TRP A 190 -4.14 4.41 -4.02
CA TRP A 190 -5.42 3.74 -4.31
C TRP A 190 -5.61 2.52 -3.40
N ALA A 191 -4.54 1.80 -3.11
CA ALA A 191 -4.66 0.65 -2.23
C ALA A 191 -5.21 1.05 -0.87
N TYR A 192 -4.80 2.21 -0.35
CA TYR A 192 -5.33 2.68 0.93
C TYR A 192 -6.74 3.25 0.79
N GLU A 193 -7.02 3.98 -0.30
CA GLU A 193 -8.38 4.43 -0.54
C GLU A 193 -9.32 3.23 -0.55
N ASN A 194 -8.90 2.13 -1.18
CA ASN A 194 -9.77 0.97 -1.32
C ASN A 194 -9.89 0.20 -0.01
N ALA A 195 -8.81 0.14 0.77
CA ALA A 195 -8.92 -0.51 2.08
C ALA A 195 -9.86 0.26 2.99
N ARG A 196 -9.76 1.59 3.00
CA ARG A 196 -10.69 2.40 3.78
C ARG A 196 -12.12 2.09 3.39
N ASP A 197 -12.39 2.06 2.08
CA ASP A 197 -13.77 1.92 1.61
C ASP A 197 -14.30 0.51 1.80
N ILE A 198 -13.48 -0.51 1.55
CA ILE A 198 -13.94 -1.88 1.86
C ILE A 198 -14.28 -1.98 3.34
N ASN A 199 -13.43 -1.41 4.20
CA ASN A 199 -13.68 -1.51 5.64
C ASN A 199 -14.94 -0.76 6.04
N GLN A 200 -15.19 0.40 5.41
CA GLN A 200 -16.42 1.13 5.70
C GLN A 200 -17.65 0.36 5.23
N ALA A 201 -17.57 -0.28 4.07
CA ALA A 201 -18.70 -1.07 3.59
C ALA A 201 -18.97 -2.23 4.53
N ILE A 202 -17.93 -2.89 5.01
CA ILE A 202 -18.13 -4.01 5.95
C ILE A 202 -18.76 -3.50 7.24
N ASP A 203 -18.21 -2.43 7.81
CA ASP A 203 -18.79 -1.79 8.99
C ASP A 203 -20.28 -1.52 8.81
N GLN A 204 -20.65 -0.92 7.68
CA GLN A 204 -22.06 -0.57 7.48
C GLN A 204 -22.91 -1.80 7.21
N ALA A 205 -22.33 -2.84 6.60
CA ALA A 205 -23.06 -4.10 6.43
C ALA A 205 -23.36 -4.75 7.77
N LEU A 206 -22.43 -4.65 8.72
CA LEU A 206 -22.67 -5.24 10.04
C LEU A 206 -23.83 -4.54 10.75
N GLN A 207 -24.07 -3.28 10.41
CA GLN A 207 -25.15 -2.50 10.98
C GLN A 207 -26.45 -2.67 10.20
N GLY A 208 -26.46 -3.50 9.16
CA GLY A 208 -27.66 -3.79 8.41
C GLY A 208 -27.81 -3.09 7.07
N ASN A 209 -26.80 -2.33 6.63
CA ASN A 209 -26.93 -1.62 5.35
C ASN A 209 -26.98 -2.58 4.17
N SER A 210 -26.40 -3.76 4.32
CA SER A 210 -26.51 -4.80 3.31
C SER A 210 -26.35 -6.15 3.97
N ASN A 211 -26.56 -7.22 3.21
CA ASN A 211 -26.45 -8.57 3.73
C ASN A 211 -25.28 -9.29 3.07
N PHE A 212 -24.57 -10.09 3.86
CA PHE A 212 -23.41 -10.84 3.38
C PHE A 212 -23.81 -11.99 2.46
N GLY A 213 -24.98 -12.55 2.65
CA GLY A 213 -25.34 -13.74 1.92
C GLY A 213 -24.49 -14.92 2.35
N GLU A 214 -24.61 -16.02 1.60
CA GLU A 214 -24.00 -17.27 2.03
C GLU A 214 -22.49 -17.26 1.91
N LYS A 215 -21.95 -16.55 0.93
CA LYS A 215 -20.52 -16.57 0.64
C LYS A 215 -19.84 -15.23 0.87
N GLY A 216 -20.55 -14.24 1.42
CA GLY A 216 -20.02 -12.91 1.54
C GLY A 216 -20.22 -12.04 0.31
N GLU A 217 -20.86 -12.56 -0.73
CA GLU A 217 -20.98 -11.83 -1.99
C GLU A 217 -21.96 -10.68 -1.89
N GLY A 218 -22.82 -10.68 -0.87
CA GLY A 218 -23.95 -9.77 -0.87
C GLY A 218 -23.58 -8.31 -0.75
N ILE A 219 -22.38 -8.00 -0.25
CA ILE A 219 -21.97 -6.61 -0.06
C ILE A 219 -21.16 -6.07 -1.22
N ILE A 220 -20.92 -6.86 -2.27
CA ILE A 220 -19.98 -6.43 -3.31
C ILE A 220 -20.49 -5.19 -4.04
N GLY A 221 -21.79 -5.13 -4.32
CA GLY A 221 -22.31 -3.95 -4.99
C GLY A 221 -22.18 -2.70 -4.15
N TYR A 222 -22.37 -2.81 -2.84
CA TYR A 222 -22.19 -1.64 -1.99
C TYR A 222 -20.72 -1.21 -1.99
N ILE A 223 -19.80 -2.18 -1.93
CA ILE A 223 -18.37 -1.85 -1.99
C ILE A 223 -18.06 -1.13 -3.30
N ARG A 224 -18.57 -1.64 -4.41
CA ARG A 224 -18.25 -1.02 -5.70
C ARG A 224 -18.82 0.38 -5.81
N GLY A 225 -19.91 0.66 -5.11
CA GLY A 225 -20.42 2.03 -5.06
C GLY A 225 -19.44 2.99 -4.41
N LEU A 226 -18.76 2.55 -3.35
CA LEU A 226 -17.75 3.41 -2.72
C LEU A 226 -16.47 3.48 -3.53
N LEU A 227 -16.06 2.37 -4.15
CA LEU A 227 -14.81 2.38 -4.93
C LEU A 227 -14.92 3.27 -6.16
N SER A 228 -16.13 3.43 -6.70
CA SER A 228 -16.33 4.25 -7.89
C SER A 228 -16.62 5.71 -7.56
N ALA A 229 -16.60 6.10 -6.29
CA ALA A 229 -16.94 7.47 -5.94
C ALA A 229 -15.88 8.45 -6.46
N GLY A 230 -16.32 9.52 -7.10
CA GLY A 230 -15.39 10.58 -7.48
C GLY A 230 -14.51 10.30 -8.67
N ILE A 231 -14.78 9.26 -9.47
CA ILE A 231 -13.99 9.00 -10.67
C ILE A 231 -14.94 8.78 -11.84
N GLY A 232 -14.41 9.03 -13.03
CA GLY A 232 -15.21 8.86 -14.24
C GLY A 232 -16.36 9.85 -14.25
N ASN A 233 -17.56 9.33 -14.53
CA ASN A 233 -18.78 10.12 -14.54
C ASN A 233 -19.34 10.38 -13.15
N ASP A 234 -18.76 9.81 -12.10
CA ASP A 234 -19.31 10.01 -10.76
C ASP A 234 -18.91 11.39 -10.24
N THR A 235 -19.89 12.16 -9.78
CA THR A 235 -19.67 13.54 -9.39
C THR A 235 -19.44 13.72 -7.88
N ARG A 236 -19.47 12.65 -7.10
CA ARG A 236 -19.36 12.80 -5.65
C ARG A 236 -18.01 13.41 -5.26
N GLN A 237 -18.03 14.27 -4.14
CA GLN A 237 -16.74 14.76 -3.69
C GLN A 237 -16.13 13.85 -2.64
N PRO A 238 -14.78 13.77 -2.58
CA PRO A 238 -13.82 14.46 -3.44
C PRO A 238 -13.71 13.84 -4.83
N GLN A 239 -13.56 14.67 -5.87
CA GLN A 239 -13.16 14.16 -7.17
C GLN A 239 -11.72 13.66 -7.06
N ARG A 240 -11.50 12.37 -7.31
CA ARG A 240 -10.17 11.80 -7.09
C ARG A 240 -9.40 11.83 -8.41
N ASN A 241 -9.04 13.06 -8.80
CA ASN A 241 -8.29 13.31 -10.01
C ASN A 241 -6.82 13.49 -9.64
N GLU A 242 -6.01 13.91 -10.61
CA GLU A 242 -4.58 14.04 -10.36
C GLU A 242 -4.31 15.03 -9.24
N GLN A 243 -5.08 16.13 -9.18
CA GLN A 243 -4.87 17.10 -8.11
C GLN A 243 -5.15 16.48 -6.74
N TYR A 244 -6.17 15.63 -6.65
CA TYR A 244 -6.46 14.96 -5.39
C TYR A 244 -5.27 14.15 -4.91
N PHE A 245 -4.65 13.38 -5.81
CA PHE A 245 -3.52 12.54 -5.43
C PHE A 245 -2.28 13.36 -5.15
N ARG A 246 -2.12 14.52 -5.80
CA ARG A 246 -1.02 15.39 -5.39
C ARG A 246 -1.20 15.85 -3.95
N ASN A 247 -2.42 16.22 -3.56
CA ASN A 247 -2.64 16.70 -2.19
C ASN A 247 -2.48 15.57 -1.18
N ARG A 248 -2.94 14.37 -1.53
CA ARG A 248 -2.69 13.22 -0.66
C ARG A 248 -1.20 12.99 -0.48
N ARG A 249 -0.43 13.06 -1.58
CA ARG A 249 1.02 12.92 -1.48
C ARG A 249 1.62 13.99 -0.58
N ARG A 250 1.16 15.24 -0.74
CA ARG A 250 1.64 16.30 0.14
C ARG A 250 1.31 16.00 1.59
N ASN A 251 0.13 15.46 1.85
CA ASN A 251 -0.29 15.22 3.22
C ASN A 251 0.46 14.03 3.82
N ILE A 252 0.67 12.98 3.04
CA ILE A 252 1.47 11.85 3.51
C ILE A 252 2.90 12.29 3.79
N SER A 253 3.46 13.14 2.93
CA SER A 253 4.84 13.55 3.10
C SER A 253 5.07 14.27 4.42
N GLN A 254 4.05 14.95 4.94
CA GLN A 254 4.21 15.67 6.19
C GLN A 254 4.45 14.73 7.37
N LEU A 255 4.03 13.47 7.26
CA LEU A 255 4.25 12.53 8.34
C LEU A 255 5.68 12.04 8.44
N PHE A 256 6.50 12.25 7.42
CA PHE A 256 7.88 11.73 7.45
C PHE A 256 8.71 12.39 8.56
N GLN A 257 8.39 13.61 8.94
CA GLN A 257 9.09 14.28 10.04
C GLN A 257 8.46 13.92 11.38
N SER A 260 11.65 9.77 10.19
CA SER A 260 13.06 9.80 9.83
C SER A 260 13.66 8.40 9.72
N LEU A 261 13.83 7.74 10.87
CA LEU A 261 14.47 6.43 10.92
C LEU A 261 13.70 5.36 10.14
N SER A 262 12.45 5.61 9.77
CA SER A 262 11.69 4.56 9.11
C SER A 262 11.94 4.47 7.60
N SER A 263 12.72 5.40 7.01
CA SER A 263 13.08 5.23 5.61
C SER A 263 14.57 4.95 5.49
N PRO A 264 15.01 4.25 4.44
CA PRO A 264 16.45 4.10 4.23
C PRO A 264 17.16 5.43 4.05
N ARG A 265 16.51 6.40 3.41
CA ARG A 265 17.09 7.74 3.33
C ARG A 265 17.25 8.35 4.72
N GLY A 266 16.21 8.29 5.53
CA GLY A 266 16.28 8.89 6.86
C GLY A 266 17.35 8.26 7.73
N ARG A 267 17.52 6.94 7.61
CA ARG A 267 18.57 6.26 8.38
C ARG A 267 19.95 6.71 7.94
N LEU A 268 20.17 6.84 6.63
CA LEU A 268 21.45 7.33 6.16
C LEU A 268 21.73 8.75 6.67
N ILE A 269 20.73 9.63 6.61
CA ILE A 269 20.93 11.01 7.05
C ILE A 269 21.24 11.06 8.54
N GLN A 270 20.49 10.30 9.34
CA GLN A 270 20.75 10.28 10.78
C GLN A 270 22.10 9.65 11.09
N GLY A 271 22.55 8.71 10.24
CA GLY A 271 23.84 8.09 10.46
C GLY A 271 25.00 8.95 10.00
N ARG A 272 24.77 9.84 9.04
CA ARG A 272 25.81 10.69 8.48
C ARG A 272 25.24 12.08 8.30
N PRO A 273 25.04 12.83 9.39
CA PRO A 273 24.34 14.11 9.28
C PRO A 273 25.09 15.07 8.36
N GLY A 274 24.33 15.67 7.43
CA GLY A 274 24.90 16.60 6.49
C GLY A 274 25.25 15.99 5.15
N ILE A 275 25.23 14.66 5.04
CA ILE A 275 25.47 14.01 3.76
C ILE A 275 24.40 14.36 2.73
N GLN A 276 23.22 14.77 3.19
CA GLN A 276 22.16 15.11 2.24
C GLN A 276 22.59 16.26 1.34
N HIS A 277 23.48 17.12 1.81
CA HIS A 277 23.97 18.19 0.97
C HIS A 277 24.79 17.67 -0.22
N GLU A 278 25.39 16.48 -0.09
CA GLU A 278 26.10 15.91 -1.23
C GLU A 278 25.22 14.99 -2.07
N ILE A 279 24.28 14.29 -1.45
CA ILE A 279 23.50 13.30 -2.18
C ILE A 279 22.20 13.86 -2.76
N ASP A 280 21.57 14.84 -2.10
CA ASP A 280 20.28 15.31 -2.59
C ASP A 280 20.34 15.94 -3.99
N PRO A 281 21.39 16.69 -4.39
CA PRO A 281 21.43 17.14 -5.79
C PRO A 281 21.42 16.00 -6.79
N LEU A 282 22.11 14.89 -6.49
CA LEU A 282 22.12 13.77 -7.43
C LEU A 282 20.78 13.05 -7.43
N LEU A 283 20.17 12.87 -6.26
CA LEU A 283 18.83 12.28 -6.22
C LEU A 283 17.82 13.07 -7.03
N LEU A 284 17.92 14.40 -6.99
CA LEU A 284 17.00 15.24 -7.76
C LEU A 284 17.21 15.04 -9.26
N GLN A 285 18.47 14.88 -9.68
CA GLN A 285 18.74 14.58 -11.09
C GLN A 285 18.14 13.23 -11.47
N PHE A 286 18.29 12.22 -10.61
CA PHE A 286 17.70 10.92 -10.88
C PHE A 286 16.19 11.01 -10.99
N LEU A 287 15.55 11.75 -10.08
CA LEU A 287 14.10 11.92 -10.13
C LEU A 287 13.66 12.55 -11.44
N GLU A 288 14.39 13.56 -11.89
CA GLU A 288 14.04 14.19 -13.17
C GLU A 288 14.16 13.21 -14.33
N LEU A 289 15.07 12.24 -14.22
CA LEU A 289 15.26 11.27 -15.29
C LEU A 289 14.25 10.13 -15.22
N GLN A 290 14.12 9.52 -14.04
CA GLN A 290 13.24 8.37 -13.89
C GLN A 290 11.77 8.79 -13.92
N TYR A 291 11.44 9.94 -13.33
CA TYR A 291 10.05 10.36 -13.16
C TYR A 291 9.88 11.80 -13.61
N PRO A 292 9.89 12.06 -14.92
CA PRO A 292 9.84 13.43 -15.43
C PRO A 292 8.47 14.09 -15.29
#